data_7SOC
#
_entry.id   7SOC
#
loop_
_entity.id
_entity.type
_entity.pdbx_description
1 polymer 'Spike glycoprotein'
2 polymer 'S309 Fab heavy chain'
3 polymer 'S309 Fab light chain'
4 branched alpha-D-mannopyranose-(1-3)-[alpha-D-mannopyranose-(1-6)]beta-D-mannopyranose-(1-4)-2-acetamido-2-deoxy-beta-D-glucopyranose-(1-4)-[alpha-L-fucopyranose-(1-6)]2-acetamido-2-deoxy-beta-D-glucopyranose
5 non-polymer 2-acetamido-2-deoxy-beta-D-glucopyranose
#
loop_
_entity_poly.entity_id
_entity_poly.type
_entity_poly.pdbx_seq_one_letter_code
_entity_poly.pdbx_strand_id
1 'polypeptide(L)'
;MFVFLVLLPLVSSQCVNLTTRTQLPPAYTNSFTRGVYYPDKVFRSSVLHSTQDLFLPFFSNVTWFHAIHVSGTNGTKRFD
NPVLPFNDGVYFASIEKSNIIRGWIFGTTLDSKTQSLLIVNNATNVVIKVCEFQFCNDPFLDVYYHKNNKSWMKSEFRVY
SSANNCTFEYVSQPFLMDLEGKQGNFKNLREFVFKNIDGYFKIYSKHTPINLVRDLPQGFSALEPLVDLPIGINITRFQT
LLALHRSYLTPGDSSSGWTAGAAAYYVGYLQPRTFLLKYNENGTITDAVDCALDPLSETKCTLKSFTVEKGIYQTSNFRV
QPTESIVRFPNITNLCPFGEVFNATRFASVYAWNRKRISNCVADYSVLYNSASFSTFKCYGVCPTKLNDLCFTNVYADSF
VIRGDEVRQIAPGQTGKIADYNYKLPDDFTGCVIAWNSNNLDSKVGGNYNYRYRLFRKSNLKPFERDISTEIYQAGSTPC
NGVQGFNCYFPLQSYGFQPTNGVGYQPYRVVVLSFELLHAPATVCGPKKSTNLVKNKCVNFNFNGLTGTGVLTESNKKFL
PFQQFGRDIADTTDAVRDPQTLEILDITPCSFGGVSVITPGTNTSNQVAVLYQGVNCTEVPVAIHADQLTPTWRVYSTGS
NVFQTRAGCLIGAEHVNNSYECDIPIGAGICASYQTQTNSRRRARSVASQSIIAYTMSLGAENSVAYSNNSIAIPTNFTI
SVTTEILPVSMTKTSVDCTMYICGDSTECSNLLLQYGSFCTQLNRALTGIAVEQDKNTQEVFAQVKQIYKTPPIKDFGGF
NFSQILPDPSKPSKRSPIEDLLFNKVTLADAGFIKQYGDCLGDIAARDLICAQKFNGLTVLPPLLTDEMIAQYTSALLAG
TITSGWTFGAGPALQIPFPMQMAYRFNGIGVTQNVLYENQKLIANQFNSAIGKIQDSLSSTPSALGKLQDVVNQNAQALN
TLVKQLSSNFGAISSVLNDILSRLCPPEAEVQIDRLITGRLQSLQTYVTQQLIRAAEIRASANLAATKMSECVLGQSKRV
DFCGKGYHLMSFPQSAPHGVVFLHVTYVPAHEKNFTTAPAICHDGKAHFPREGVFVSNGTHWFVTQRNFYEPQIITTDNT
FVSGNCDVVIGIVNNTVYDPLQPELDSFKEELDKYFKNHTSPDVDLGDISGINASVVNIQKEIDRLNEVAKNLNESLIDL
QELGKYEQGSGYIPEAPRDGQAYVRKDGEWVLLSTFLGRSLEVLFQGPGSGGLNDIFEAQKIEWHEGSGHHHHHHHH
;
A
2 'polypeptide(L)'
;QVQLVQSGAEVKKPGASVKVSCKASGYPFTSYGISWVRQAPGQGLEWMGWISTYNGNTNYAQKFQGRVTMTTDTSTTTGY
MELRRLRSDDTAVYYCARDYTRGAWFGESLIGGFDNWGQGTLVTVSSAS
;
H
3 'polypeptide(L)'
;IVLTQSPGTLSLSPGERATLSCRASQTVSSTSLAWYQQKPGQAPRLLIYGASSRATGIPDRFSGSGSGTDFTLTISRLEP
EDFAVYYCQQHDTSLTFGGGTKVE
;
L
#
loop_
_chem_comp.id
_chem_comp.type
_chem_comp.name
_chem_comp.formula
BMA D-saccharide, beta linking beta-D-mannopyranose 'C6 H12 O6'
FUC L-saccharide, alpha linking alpha-L-fucopyranose 'C6 H12 O5'
MAN D-saccharide, alpha linking alpha-D-mannopyranose 'C6 H12 O6'
NAG D-saccharide, beta linking 2-acetamido-2-deoxy-beta-D-glucopyranose 'C8 H15 N O6'
#
# COMPACT_ATOMS: atom_id res chain seq x y z
N PHE A 329 26.53 -13.86 -11.50
CA PHE A 329 25.33 -13.10 -11.08
C PHE A 329 25.05 -12.05 -12.17
N PRO A 330 24.00 -12.15 -13.02
CA PRO A 330 23.74 -11.21 -14.10
C PRO A 330 23.69 -9.77 -13.58
N ASN A 331 23.99 -8.79 -14.44
CA ASN A 331 23.99 -7.39 -14.03
C ASN A 331 22.57 -6.81 -13.98
N ILE A 332 21.89 -7.06 -12.84
CA ILE A 332 20.51 -6.63 -12.61
C ILE A 332 20.49 -5.43 -11.66
N THR A 333 19.81 -4.36 -12.07
CA THR A 333 19.78 -3.13 -11.27
C THR A 333 18.44 -2.94 -10.54
N ASN A 334 17.40 -3.62 -11.02
CA ASN A 334 16.08 -3.48 -10.41
C ASN A 334 16.00 -4.32 -9.14
N LEU A 335 15.33 -3.78 -8.12
CA LEU A 335 15.17 -4.56 -6.89
C LEU A 335 13.80 -5.22 -6.86
N CYS A 336 13.71 -6.42 -6.26
CA CYS A 336 12.49 -7.19 -6.20
C CYS A 336 11.43 -6.52 -5.33
N PRO A 337 10.20 -6.43 -5.84
CA PRO A 337 9.06 -5.75 -5.26
C PRO A 337 8.45 -6.51 -4.11
N PHE A 338 9.25 -6.76 -3.08
CA PHE A 338 8.71 -7.43 -1.90
C PHE A 338 7.86 -6.47 -1.09
N GLY A 339 8.26 -5.21 -1.08
CA GLY A 339 7.54 -4.21 -0.31
C GLY A 339 6.06 -4.22 -0.65
N GLU A 340 5.75 -4.13 -1.94
CA GLU A 340 4.36 -4.03 -2.37
C GLU A 340 3.60 -5.36 -2.27
N VAL A 341 4.27 -6.41 -1.82
CA VAL A 341 3.62 -7.69 -1.56
C VAL A 341 3.23 -7.79 -0.09
N PHE A 342 4.16 -7.45 0.78
CA PHE A 342 3.95 -7.50 2.22
C PHE A 342 3.15 -6.30 2.78
N ASN A 343 3.30 -5.12 2.15
CA ASN A 343 2.67 -3.88 2.62
C ASN A 343 1.40 -3.53 1.84
N ALA A 344 0.77 -4.51 1.18
CA ALA A 344 -0.48 -4.31 0.45
C ALA A 344 -1.63 -4.02 1.40
N THR A 345 -2.56 -3.15 0.98
CA THR A 345 -3.73 -2.83 1.79
C THR A 345 -4.74 -3.97 1.82
N ARG A 346 -4.81 -4.74 0.74
CA ARG A 346 -5.78 -5.81 0.63
C ARG A 346 -5.15 -7.14 0.27
N PHE A 347 -5.53 -8.17 1.01
CA PHE A 347 -5.13 -9.54 0.73
C PHE A 347 -6.34 -10.34 0.24
N ALA A 348 -6.06 -11.36 -0.56
CA ALA A 348 -7.12 -12.20 -1.11
C ALA A 348 -7.62 -13.21 -0.08
N SER A 349 -8.83 -13.69 -0.30
CA SER A 349 -9.38 -14.78 0.50
C SER A 349 -8.62 -16.07 0.22
N VAL A 350 -8.60 -16.98 1.19
CA VAL A 350 -7.85 -18.22 1.02
C VAL A 350 -8.42 -19.10 -0.08
N TYR A 351 -9.72 -19.05 -0.31
CA TYR A 351 -10.32 -19.85 -1.37
C TYR A 351 -9.91 -19.34 -2.75
N ALA A 352 -9.44 -18.10 -2.80
CA ALA A 352 -9.07 -17.45 -4.06
C ALA A 352 -7.78 -16.68 -3.89
N TRP A 353 -6.70 -17.39 -3.54
CA TRP A 353 -5.43 -16.76 -3.21
C TRP A 353 -4.81 -16.10 -4.43
N ASN A 354 -4.06 -15.02 -4.20
CA ASN A 354 -3.47 -14.24 -5.29
C ASN A 354 -1.99 -14.55 -5.49
N ARG A 355 -1.62 -14.83 -6.73
CA ARG A 355 -0.23 -15.12 -7.06
C ARG A 355 0.45 -14.01 -7.84
N LYS A 356 1.54 -13.49 -7.29
CA LYS A 356 2.36 -12.48 -7.97
C LYS A 356 3.71 -13.06 -8.35
N ARG A 357 4.12 -12.84 -9.60
CA ARG A 357 5.40 -13.37 -10.08
C ARG A 357 6.52 -12.35 -9.94
N ILE A 358 7.61 -12.78 -9.30
CA ILE A 358 8.79 -11.96 -9.13
C ILE A 358 9.93 -12.45 -10.01
N SER A 359 10.44 -11.57 -10.88
CA SER A 359 11.50 -11.93 -11.83
C SER A 359 12.33 -10.72 -12.23
N ASN A 360 13.50 -10.99 -12.82
CA ASN A 360 14.38 -9.95 -13.34
C ASN A 360 14.67 -8.86 -12.32
N CYS A 361 15.14 -9.27 -11.13
CA CYS A 361 15.37 -8.36 -10.02
C CYS A 361 16.39 -8.88 -9.02
N VAL A 362 16.85 -8.00 -8.15
CA VAL A 362 17.73 -8.37 -7.05
C VAL A 362 16.91 -8.55 -5.78
N ALA A 363 16.95 -9.76 -5.22
CA ALA A 363 16.12 -10.11 -4.10
C ALA A 363 16.88 -9.97 -2.79
N ASP A 364 16.56 -8.94 -2.04
CA ASP A 364 17.19 -8.73 -0.74
C ASP A 364 16.30 -9.29 0.35
N TYR A 365 16.75 -10.38 0.98
CA TYR A 365 15.94 -11.08 1.97
C TYR A 365 16.30 -10.66 3.38
N SER A 366 17.28 -9.78 3.51
CA SER A 366 17.78 -9.37 4.82
C SER A 366 16.75 -8.52 5.55
N VAL A 367 15.75 -8.07 4.81
CA VAL A 367 14.69 -7.25 5.39
C VAL A 367 13.50 -8.11 5.79
N LEU A 368 13.58 -9.41 5.51
CA LEU A 368 12.49 -10.30 5.85
C LEU A 368 12.86 -11.25 6.99
N TYR A 369 14.00 -11.92 6.89
CA TYR A 369 14.33 -12.91 7.92
C TYR A 369 14.86 -12.25 9.19
N ASN A 370 15.16 -10.97 9.10
CA ASN A 370 15.59 -10.20 10.27
C ASN A 370 14.47 -9.32 10.80
N SER A 371 13.26 -9.53 10.29
CA SER A 371 12.11 -8.74 10.71
C SER A 371 11.37 -9.40 11.87
N ALA A 372 11.16 -8.62 12.93
CA ALA A 372 10.50 -9.12 14.13
C ALA A 372 8.97 -9.01 14.02
N SER A 373 8.49 -8.47 12.91
CA SER A 373 7.06 -8.26 12.73
C SER A 373 6.34 -9.54 12.33
N PHE A 374 7.10 -10.58 12.00
CA PHE A 374 6.51 -11.84 11.57
C PHE A 374 6.39 -12.82 12.73
N SER A 375 5.24 -13.48 12.83
CA SER A 375 5.03 -14.46 13.90
C SER A 375 5.50 -15.84 13.47
N THR A 376 5.45 -16.09 12.16
CA THR A 376 5.90 -17.34 11.59
C THR A 376 6.83 -17.07 10.42
N PHE A 377 7.98 -17.75 10.42
CA PHE A 377 8.90 -17.64 9.31
C PHE A 377 9.63 -18.97 9.14
N LYS A 378 9.04 -19.87 8.36
CA LYS A 378 9.62 -21.19 8.18
C LYS A 378 10.08 -21.38 6.74
N CYS A 379 11.22 -22.05 6.55
CA CYS A 379 11.76 -22.31 5.21
C CYS A 379 12.00 -23.80 5.02
N TYR A 380 11.72 -24.27 3.81
CA TYR A 380 11.84 -25.68 3.48
C TYR A 380 12.80 -25.85 2.31
N GLY A 381 13.84 -26.65 2.52
CA GLY A 381 14.81 -26.94 1.48
C GLY A 381 15.94 -25.92 1.45
N VAL A 382 15.77 -24.81 2.17
CA VAL A 382 16.77 -23.76 2.21
C VAL A 382 16.77 -23.06 3.56
N CYS A 383 17.98 -22.63 3.95
CA CYS A 383 18.16 -21.84 5.19
C CYS A 383 17.98 -20.38 4.80
N PRO A 384 17.19 -19.61 5.56
CA PRO A 384 16.89 -18.22 5.26
C PRO A 384 18.10 -17.32 5.34
N THR A 385 19.13 -17.75 6.06
CA THR A 385 20.33 -16.94 6.23
C THR A 385 21.34 -17.21 5.12
N LYS A 386 21.04 -18.22 4.29
CA LYS A 386 21.85 -18.55 3.13
C LYS A 386 21.00 -18.46 1.88
N LEU A 387 19.95 -17.67 1.98
CA LEU A 387 19.01 -17.45 0.89
C LEU A 387 19.34 -16.16 0.16
N ASN A 388 20.27 -15.40 0.73
CA ASN A 388 20.60 -14.07 0.24
C ASN A 388 21.79 -14.07 -0.70
N ASP A 389 22.22 -15.25 -1.11
CA ASP A 389 23.34 -15.37 -2.05
C ASP A 389 23.07 -16.42 -3.12
N LEU A 390 21.81 -16.79 -3.28
CA LEU A 390 21.41 -17.79 -4.26
C LEU A 390 20.63 -17.15 -5.41
N CYS A 391 20.73 -17.74 -6.60
CA CYS A 391 20.03 -17.29 -7.79
C CYS A 391 18.96 -18.28 -8.23
N PHE A 392 17.76 -17.77 -8.44
CA PHE A 392 16.58 -18.56 -8.81
C PHE A 392 16.04 -18.12 -10.16
N THR A 393 15.29 -19.00 -10.81
CA THR A 393 14.70 -18.66 -12.10
C THR A 393 13.44 -17.84 -11.88
N ASN A 394 12.64 -18.22 -10.89
CA ASN A 394 11.44 -17.47 -10.54
C ASN A 394 11.17 -17.55 -9.04
N VAL A 395 10.54 -16.51 -8.51
CA VAL A 395 9.99 -16.56 -7.16
C VAL A 395 8.51 -16.16 -7.21
N TYR A 396 7.65 -16.99 -6.66
CA TYR A 396 6.22 -16.69 -6.68
C TYR A 396 5.71 -16.37 -5.29
N ALA A 397 5.00 -15.27 -5.16
CA ALA A 397 4.45 -14.87 -3.87
C ALA A 397 2.95 -15.07 -3.81
N ASP A 398 2.53 -16.08 -3.06
CA ASP A 398 1.11 -16.40 -2.90
C ASP A 398 0.56 -15.79 -1.63
N SER A 399 -0.35 -14.83 -1.76
CA SER A 399 -0.86 -14.11 -0.59
C SER A 399 -2.33 -14.39 -0.31
N PHE A 400 -2.66 -14.57 0.97
CA PHE A 400 -4.03 -14.81 1.40
C PHE A 400 -4.23 -14.61 2.90
N VAL A 401 -5.49 -14.54 3.33
CA VAL A 401 -5.81 -14.43 4.76
C VAL A 401 -6.55 -15.63 5.32
N ILE A 402 -6.00 -16.17 6.42
CA ILE A 402 -6.60 -17.27 7.16
C ILE A 402 -6.58 -16.98 8.64
N ARG A 403 -7.32 -17.73 9.44
CA ARG A 403 -7.29 -17.52 10.88
C ARG A 403 -6.09 -18.20 11.52
N GLY A 404 -5.69 -17.73 12.69
CA GLY A 404 -4.48 -18.18 13.40
C GLY A 404 -4.31 -19.70 13.46
N ASP A 405 -5.33 -20.41 13.91
CA ASP A 405 -5.21 -21.85 14.09
C ASP A 405 -4.90 -22.60 12.80
N GLU A 406 -5.23 -21.99 11.67
CA GLU A 406 -5.08 -22.64 10.38
C GLU A 406 -3.73 -22.36 9.73
N VAL A 407 -2.91 -21.54 10.38
CA VAL A 407 -1.61 -21.20 9.83
C VAL A 407 -0.72 -22.43 9.74
N ARG A 408 -0.90 -23.37 10.66
CA ARG A 408 -0.12 -24.60 10.68
C ARG A 408 -0.40 -25.50 9.47
N GLN A 409 -1.49 -25.22 8.75
CA GLN A 409 -1.85 -26.03 7.59
C GLN A 409 -1.12 -25.55 6.34
N ILE A 410 -0.45 -24.42 6.42
CA ILE A 410 0.29 -23.92 5.28
C ILE A 410 1.69 -24.49 5.33
N ALA A 411 1.79 -25.77 5.02
CA ALA A 411 3.04 -26.50 5.07
C ALA A 411 2.88 -27.79 4.26
N PRO A 412 3.98 -28.30 3.69
CA PRO A 412 4.04 -29.54 2.95
C PRO A 412 3.69 -30.72 3.82
N GLY A 413 2.90 -31.64 3.28
CA GLY A 413 2.53 -32.86 3.98
C GLY A 413 1.34 -32.69 4.93
N GLN A 414 0.79 -31.48 5.02
CA GLN A 414 -0.31 -31.23 5.93
C GLN A 414 -1.67 -31.46 5.29
N THR A 415 -2.65 -31.76 6.13
CA THR A 415 -4.03 -31.95 5.71
C THR A 415 -4.97 -31.11 6.57
N GLY A 416 -6.21 -30.94 6.12
CA GLY A 416 -7.19 -30.13 6.84
C GLY A 416 -8.05 -29.33 5.87
N LYS A 417 -8.98 -28.54 6.39
CA LYS A 417 -9.90 -27.83 5.52
C LYS A 417 -9.19 -26.86 4.60
N ILE A 418 -8.11 -26.25 5.06
CA ILE A 418 -7.38 -25.32 4.22
C ILE A 418 -6.42 -26.08 3.32
N ALA A 419 -5.65 -26.97 3.92
CA ALA A 419 -4.67 -27.72 3.15
C ALA A 419 -5.31 -28.51 2.01
N ASP A 420 -6.51 -29.04 2.24
CA ASP A 420 -7.14 -29.89 1.23
C ASP A 420 -8.08 -29.18 0.27
N TYR A 421 -8.80 -28.15 0.71
CA TYR A 421 -9.79 -27.53 -0.16
C TYR A 421 -9.46 -26.12 -0.62
N ASN A 422 -8.46 -25.49 -0.03
CA ASN A 422 -8.17 -24.10 -0.36
C ASN A 422 -6.78 -23.87 -0.91
N TYR A 423 -5.76 -24.36 -0.21
CA TYR A 423 -4.38 -24.09 -0.60
C TYR A 423 -3.45 -25.24 -0.21
N LYS A 424 -3.08 -26.05 -1.20
CA LYS A 424 -2.26 -27.23 -0.96
C LYS A 424 -0.81 -27.01 -1.38
N LEU A 425 0.13 -27.32 -0.48
CA LEU A 425 1.54 -27.29 -0.83
C LEU A 425 2.06 -28.71 -1.04
N PRO A 426 2.91 -28.93 -2.04
CA PRO A 426 3.50 -30.19 -2.43
C PRO A 426 4.49 -30.68 -1.38
N ASP A 427 4.67 -32.00 -1.32
CA ASP A 427 5.57 -32.60 -0.34
C ASP A 427 7.02 -32.19 -0.55
N ASP A 428 7.37 -31.82 -1.78
CA ASP A 428 8.72 -31.38 -2.10
C ASP A 428 8.81 -29.86 -2.22
N PHE A 429 7.89 -29.16 -1.56
CA PHE A 429 7.88 -27.70 -1.58
C PHE A 429 9.21 -27.12 -1.15
N THR A 430 9.69 -26.17 -1.94
CA THR A 430 10.91 -25.42 -1.62
C THR A 430 10.59 -23.94 -1.55
N GLY A 431 10.93 -23.32 -0.43
CA GLY A 431 10.63 -21.91 -0.25
C GLY A 431 10.36 -21.58 1.20
N CYS A 432 9.72 -20.41 1.43
CA CYS A 432 9.49 -19.92 2.79
C CYS A 432 8.03 -19.48 3.00
N VAL A 433 7.48 -19.83 4.15
CA VAL A 433 6.14 -19.42 4.54
C VAL A 433 6.21 -18.36 5.62
N ILE A 434 5.71 -17.17 5.30
CA ILE A 434 5.78 -16.03 6.20
C ILE A 434 4.39 -15.57 6.60
N ALA A 435 4.15 -15.39 7.90
CA ALA A 435 2.83 -14.96 8.33
C ALA A 435 2.90 -14.02 9.53
N TRP A 436 1.92 -13.12 9.62
CA TRP A 436 1.84 -12.21 10.75
C TRP A 436 0.41 -11.89 11.14
N ASN A 437 0.22 -11.51 12.40
CA ASN A 437 -1.08 -11.15 12.92
C ASN A 437 -1.55 -9.82 12.37
N SER A 438 -2.77 -9.80 11.84
CA SER A 438 -3.34 -8.60 11.26
C SER A 438 -4.70 -8.28 11.88
N ASN A 439 -4.82 -8.54 13.18
CA ASN A 439 -6.08 -8.32 13.90
C ASN A 439 -6.55 -6.88 13.83
N ASN A 440 -5.61 -5.94 13.79
CA ASN A 440 -5.96 -4.53 13.76
C ASN A 440 -6.07 -3.97 12.33
N LEU A 441 -5.99 -4.86 11.34
CA LEU A 441 -6.12 -4.45 9.95
C LEU A 441 -7.36 -5.07 9.30
N ASP A 442 -7.58 -6.35 9.58
CA ASP A 442 -8.60 -7.13 8.89
C ASP A 442 -9.82 -7.45 9.75
N SER A 443 -9.99 -6.74 10.86
CA SER A 443 -11.16 -6.98 11.71
C SER A 443 -11.90 -5.69 12.02
N LYS A 444 -13.19 -5.82 12.30
CA LYS A 444 -14.00 -4.70 12.75
C LYS A 444 -15.02 -5.16 13.77
N VAL A 445 -15.56 -4.24 14.55
CA VAL A 445 -16.46 -4.60 15.64
C VAL A 445 -17.69 -5.35 15.15
N GLY A 446 -18.27 -4.90 14.05
CA GLY A 446 -19.48 -5.51 13.51
C GLY A 446 -19.21 -6.87 12.87
N GLY A 447 -17.95 -7.20 12.67
CA GLY A 447 -17.55 -8.47 12.06
C GLY A 447 -17.18 -8.30 10.59
N ASN A 448 -15.95 -8.69 10.26
CA ASN A 448 -15.48 -8.60 8.88
C ASN A 448 -15.69 -9.93 8.17
N TYR A 449 -16.73 -9.99 7.35
CA TYR A 449 -17.11 -11.23 6.68
C TYR A 449 -16.69 -11.20 5.21
N ASN A 450 -15.76 -10.31 4.87
CA ASN A 450 -15.26 -10.20 3.51
C ASN A 450 -14.38 -11.38 3.12
N TYR A 451 -13.71 -11.97 4.11
CA TYR A 451 -12.81 -13.09 3.85
C TYR A 451 -13.55 -14.41 3.92
N ARG A 452 -13.33 -15.26 2.91
CA ARG A 452 -14.02 -16.54 2.84
C ARG A 452 -13.08 -17.71 2.58
N TYR A 453 -13.54 -18.90 2.95
CA TYR A 453 -12.82 -20.14 2.70
C TYR A 453 -13.77 -21.21 2.22
N ARG A 454 -13.24 -22.20 1.51
CA ARG A 454 -14.05 -23.30 1.03
C ARG A 454 -14.18 -24.38 2.10
N LEU A 455 -15.42 -24.76 2.37
CA LEU A 455 -15.71 -25.78 3.37
C LEU A 455 -16.08 -27.10 2.70
N PHE A 456 -16.77 -27.02 1.57
CA PHE A 456 -17.23 -28.23 0.89
C PHE A 456 -16.61 -28.39 -0.49
N ARG A 457 -16.07 -29.59 -0.74
CA ARG A 457 -15.54 -29.92 -2.06
C ARG A 457 -15.62 -31.42 -2.28
N LYS A 458 -15.83 -31.83 -3.52
CA LYS A 458 -15.95 -33.26 -3.86
C LYS A 458 -14.65 -34.02 -3.62
N SER A 459 -13.52 -33.37 -3.86
CA SER A 459 -12.21 -34.01 -3.71
C SER A 459 -11.16 -33.00 -3.28
N ASN A 460 -9.97 -33.49 -2.97
CA ASN A 460 -8.88 -32.64 -2.52
C ASN A 460 -8.19 -31.95 -3.69
N LEU A 461 -7.56 -30.81 -3.40
CA LEU A 461 -6.80 -30.06 -4.41
C LEU A 461 -5.43 -30.65 -4.68
N LYS A 462 -4.96 -30.44 -5.90
CA LYS A 462 -3.58 -30.73 -6.25
C LYS A 462 -2.72 -29.55 -5.78
N PRO A 463 -1.42 -29.72 -5.62
CA PRO A 463 -0.48 -28.69 -5.22
C PRO A 463 -0.62 -27.44 -6.08
N PHE A 464 -0.76 -26.30 -5.41
CA PHE A 464 -0.90 -25.00 -6.05
C PHE A 464 -2.09 -24.90 -7.00
N GLU A 465 -3.11 -25.74 -6.79
CA GLU A 465 -4.33 -25.63 -7.57
C GLU A 465 -5.27 -24.60 -6.95
N ARG A 466 -5.95 -23.83 -7.79
CA ARG A 466 -6.91 -22.84 -7.34
C ARG A 466 -8.31 -23.17 -7.83
N ASP A 467 -9.28 -23.12 -6.92
CA ASP A 467 -10.67 -23.42 -7.27
C ASP A 467 -11.61 -22.38 -6.68
N ILE A 468 -12.22 -21.57 -7.55
CA ILE A 468 -13.06 -20.47 -7.11
C ILE A 468 -14.51 -20.62 -7.54
N SER A 469 -14.92 -21.86 -7.84
CA SER A 469 -16.30 -22.15 -8.21
C SER A 469 -17.25 -21.87 -7.05
N THR A 470 -18.45 -21.39 -7.38
CA THR A 470 -19.47 -21.10 -6.37
C THR A 470 -20.71 -21.96 -6.57
N GLU A 471 -20.55 -23.09 -7.25
CA GLU A 471 -21.68 -23.99 -7.50
C GLU A 471 -22.12 -24.67 -6.22
N ILE A 472 -23.40 -25.04 -6.16
CA ILE A 472 -23.95 -25.68 -4.97
C ILE A 472 -23.44 -27.11 -4.82
N TYR A 473 -23.00 -27.43 -3.61
CA TYR A 473 -22.44 -28.74 -3.30
C TYR A 473 -23.53 -29.73 -2.91
N GLN A 474 -23.53 -30.88 -3.57
CA GLN A 474 -24.51 -31.91 -3.27
C GLN A 474 -23.95 -32.88 -2.23
N ALA A 475 -24.51 -32.82 -1.03
CA ALA A 475 -24.05 -33.68 0.05
C ALA A 475 -24.85 -34.97 0.08
N GLY A 476 -26.09 -34.89 -0.37
CA GLY A 476 -27.00 -36.03 -0.31
C GLY A 476 -27.04 -36.79 -1.63
N SER A 477 -28.10 -37.58 -1.82
CA SER A 477 -28.25 -38.42 -3.00
C SER A 477 -29.04 -37.74 -4.12
N THR A 478 -29.75 -36.68 -3.78
CA THR A 478 -30.58 -36.00 -4.77
C THR A 478 -29.84 -34.80 -5.36
N PRO A 479 -30.12 -34.45 -6.62
CA PRO A 479 -29.68 -33.25 -7.31
C PRO A 479 -30.13 -31.99 -6.58
N CYS A 480 -29.30 -30.94 -6.63
CA CYS A 480 -29.60 -29.64 -6.04
C CYS A 480 -30.09 -28.68 -7.11
N ASN A 481 -29.54 -28.80 -8.31
CA ASN A 481 -29.89 -27.96 -9.44
C ASN A 481 -29.69 -26.47 -9.13
N GLY A 482 -28.65 -26.15 -8.37
CA GLY A 482 -28.33 -24.76 -8.07
C GLY A 482 -29.13 -24.19 -6.91
N VAL A 483 -30.02 -25.00 -6.34
CA VAL A 483 -30.88 -24.55 -5.25
C VAL A 483 -30.38 -25.04 -3.90
N GLN A 484 -30.24 -24.13 -2.95
CA GLN A 484 -29.82 -24.49 -1.60
C GLN A 484 -30.99 -25.12 -0.84
N GLY A 485 -30.68 -25.99 0.11
CA GLY A 485 -31.71 -26.68 0.86
C GLY A 485 -31.16 -27.87 1.61
N PHE A 486 -32.00 -28.87 1.85
CA PHE A 486 -31.57 -30.03 2.61
C PHE A 486 -30.52 -30.82 1.84
N ASN A 487 -29.36 -30.98 2.46
CA ASN A 487 -28.20 -31.63 1.84
C ASN A 487 -27.72 -30.94 0.54
N CYS A 488 -27.92 -29.61 0.46
CA CYS A 488 -27.45 -28.77 -0.64
C CYS A 488 -26.85 -27.48 -0.07
N TYR A 489 -25.53 -27.37 -0.11
CA TYR A 489 -24.87 -26.29 0.60
C TYR A 489 -24.06 -25.39 -0.32
N PHE A 490 -23.98 -24.12 0.03
CA PHE A 490 -23.09 -23.20 -0.66
C PHE A 490 -21.68 -23.44 -0.11
N PRO A 491 -20.72 -23.77 -0.97
CA PRO A 491 -19.40 -24.29 -0.64
C PRO A 491 -18.50 -23.33 0.14
N LEU A 492 -18.79 -22.03 0.07
CA LEU A 492 -17.94 -21.05 0.73
C LEU A 492 -18.57 -20.50 2.00
N GLN A 493 -17.77 -20.43 3.05
CA GLN A 493 -18.18 -19.84 4.32
C GLN A 493 -17.32 -18.63 4.65
N SER A 494 -17.86 -17.73 5.45
CA SER A 494 -17.10 -16.54 5.83
C SER A 494 -16.42 -16.71 7.18
N TYR A 495 -15.34 -15.95 7.38
CA TYR A 495 -14.67 -15.91 8.66
C TYR A 495 -15.28 -14.83 9.53
N GLY A 496 -15.66 -15.19 10.76
CA GLY A 496 -16.24 -14.22 11.68
C GLY A 496 -15.16 -13.41 12.40
N PHE A 497 -14.40 -12.63 11.63
CA PHE A 497 -13.27 -11.91 12.20
C PHE A 497 -13.72 -10.69 12.99
N GLN A 498 -13.35 -10.67 14.26
CA GLN A 498 -13.66 -9.57 15.18
C GLN A 498 -12.45 -9.27 16.05
N PRO A 499 -12.26 -8.02 16.46
CA PRO A 499 -11.14 -7.52 17.23
C PRO A 499 -11.06 -8.14 18.62
N THR A 500 -12.17 -8.73 19.07
CA THR A 500 -12.24 -9.31 20.40
C THR A 500 -12.07 -10.83 20.38
N ASN A 501 -11.78 -11.38 19.21
CA ASN A 501 -11.57 -12.83 19.08
C ASN A 501 -10.29 -13.26 19.79
N GLY A 502 -10.26 -14.52 20.23
CA GLY A 502 -9.03 -15.09 20.77
C GLY A 502 -8.04 -15.25 19.64
N VAL A 503 -6.77 -15.44 19.97
CA VAL A 503 -5.73 -15.45 18.96
C VAL A 503 -5.97 -16.45 17.84
N GLY A 504 -6.46 -17.63 18.19
CA GLY A 504 -6.69 -18.68 17.21
C GLY A 504 -7.74 -18.28 16.17
N TYR A 505 -8.56 -17.29 16.50
CA TYR A 505 -9.62 -16.84 15.61
C TYR A 505 -9.34 -15.46 15.05
N GLN A 506 -8.14 -14.94 15.27
CA GLN A 506 -7.74 -13.67 14.69
C GLN A 506 -7.16 -13.94 13.30
N PRO A 507 -7.32 -13.01 12.36
CA PRO A 507 -6.82 -13.09 11.01
C PRO A 507 -5.30 -12.98 10.96
N TYR A 508 -4.70 -13.78 10.08
CA TYR A 508 -3.29 -13.71 9.80
C TYR A 508 -3.06 -13.54 8.31
N ARG A 509 -2.15 -12.66 7.96
CA ARG A 509 -1.79 -12.46 6.57
C ARG A 509 -0.63 -13.36 6.23
N VAL A 510 -0.83 -14.21 5.23
CA VAL A 510 0.16 -15.21 4.87
C VAL A 510 0.72 -14.96 3.49
N VAL A 511 2.04 -14.95 3.38
CA VAL A 511 2.72 -14.86 2.10
C VAL A 511 3.64 -16.05 1.94
N VAL A 512 3.40 -16.84 0.90
CA VAL A 512 4.25 -18.00 0.65
C VAL A 512 5.16 -17.74 -0.54
N LEU A 513 6.46 -17.80 -0.31
CA LEU A 513 7.42 -17.57 -1.38
C LEU A 513 7.91 -18.89 -1.92
N SER A 514 7.45 -19.23 -3.12
CA SER A 514 7.81 -20.49 -3.76
C SER A 514 8.98 -20.29 -4.70
N PHE A 515 10.05 -21.03 -4.47
CA PHE A 515 11.27 -20.84 -5.25
C PHE A 515 11.47 -21.96 -6.25
N GLU A 516 11.91 -21.61 -7.45
CA GLU A 516 12.26 -22.65 -8.42
C GLU A 516 13.53 -22.32 -9.18
N LEU A 517 14.28 -23.37 -9.48
CA LEU A 517 15.45 -23.26 -10.33
C LEU A 517 15.33 -24.23 -11.49
N LEU A 518 15.30 -23.69 -12.71
CA LEU A 518 15.11 -24.50 -13.90
C LEU A 518 16.42 -24.58 -14.68
N HIS A 519 16.46 -25.44 -15.69
CA HIS A 519 17.63 -25.49 -16.55
C HIS A 519 17.60 -24.28 -17.47
N ALA A 520 17.89 -23.13 -16.89
CA ALA A 520 17.74 -21.84 -17.56
C ALA A 520 18.55 -20.79 -16.82
N PRO A 521 18.87 -19.66 -17.48
CA PRO A 521 19.45 -18.47 -16.88
C PRO A 521 18.59 -17.97 -15.72
N ALA A 522 19.23 -17.66 -14.61
CA ALA A 522 18.54 -17.14 -13.43
C ALA A 522 18.14 -15.69 -13.65
N THR A 523 17.06 -15.27 -13.01
CA THR A 523 16.62 -13.89 -13.13
C THR A 523 16.47 -13.21 -11.78
N VAL A 524 16.46 -13.98 -10.70
CA VAL A 524 16.34 -13.41 -9.36
C VAL A 524 17.55 -13.78 -8.51
N CYS A 525 18.39 -12.79 -8.19
CA CYS A 525 19.66 -13.02 -7.48
C CYS A 525 19.78 -12.15 -6.24
N GLY A 526 20.56 -12.61 -5.27
CA GLY A 526 20.81 -11.84 -4.07
C GLY A 526 21.69 -10.63 -4.38
N PRO A 527 21.82 -9.71 -3.42
CA PRO A 527 22.52 -8.45 -3.48
C PRO A 527 24.04 -8.59 -3.37
N LYS A 528 24.65 -9.18 -4.41
CA LYS A 528 26.11 -9.33 -4.48
C LYS A 528 26.55 -9.70 -5.89
N GLN B 1 20.77 9.65 2.64
CA GLN B 1 19.64 10.57 2.77
C GLN B 1 18.92 10.75 1.43
N VAL B 2 17.60 10.55 1.43
CA VAL B 2 16.77 10.74 0.24
C VAL B 2 16.48 12.21 0.00
N GLN B 3 16.73 12.65 -1.22
CA GLN B 3 16.50 14.04 -1.58
C GLN B 3 15.78 14.17 -2.91
N LEU B 4 14.84 15.10 -2.96
CA LEU B 4 14.15 15.46 -4.19
C LEU B 4 14.33 16.95 -4.45
N VAL B 5 14.76 17.30 -5.65
CA VAL B 5 14.93 18.71 -6.00
C VAL B 5 14.21 19.02 -7.30
N GLN B 6 13.86 20.28 -7.51
CA GLN B 6 13.08 20.65 -8.68
C GLN B 6 13.63 21.89 -9.37
N SER B 7 12.99 22.26 -10.47
CA SER B 7 13.40 23.43 -11.26
C SER B 7 12.97 24.72 -10.58
N GLY B 8 13.46 25.85 -11.09
CA GLY B 8 13.12 27.13 -10.51
C GLY B 8 11.74 27.58 -10.95
N ALA B 9 11.30 28.73 -10.44
CA ALA B 9 9.99 29.26 -10.75
C ALA B 9 9.89 29.67 -12.21
N GLU B 10 8.69 29.57 -12.77
CA GLU B 10 8.47 29.94 -14.17
C GLU B 10 7.25 30.85 -14.31
N VAL B 11 7.28 31.68 -15.36
CA VAL B 11 6.14 32.53 -15.69
C VAL B 11 5.62 32.19 -17.08
N LYS B 12 4.33 31.92 -17.17
CA LYS B 12 3.72 31.47 -18.41
C LYS B 12 2.50 32.30 -18.79
N LYS B 13 2.24 32.40 -20.08
CA LYS B 13 1.02 33.01 -20.57
C LYS B 13 -0.11 31.99 -20.53
N PRO B 14 -1.37 32.42 -20.41
CA PRO B 14 -2.55 31.61 -20.57
C PRO B 14 -2.52 30.91 -21.92
N GLY B 15 -2.80 29.62 -21.92
CA GLY B 15 -2.78 28.81 -23.14
C GLY B 15 -1.44 28.12 -23.35
N ALA B 16 -0.44 28.51 -22.57
CA ALA B 16 0.90 27.94 -22.66
C ALA B 16 0.99 26.62 -21.91
N SER B 17 2.18 26.05 -21.87
CA SER B 17 2.40 24.80 -21.15
C SER B 17 3.68 24.88 -20.33
N VAL B 18 3.68 24.18 -19.20
CA VAL B 18 4.84 24.13 -18.32
C VAL B 18 5.27 22.70 -18.07
N LYS B 19 6.57 22.45 -18.12
CA LYS B 19 7.09 21.12 -17.84
C LYS B 19 8.04 21.17 -16.64
N VAL B 20 7.59 20.62 -15.52
CA VAL B 20 8.33 20.70 -14.27
C VAL B 20 9.12 19.43 -14.03
N SER B 21 10.42 19.56 -13.82
CA SER B 21 11.29 18.40 -13.60
C SER B 21 11.37 18.06 -12.12
N CYS B 22 11.81 16.83 -11.80
CA CYS B 22 12.01 16.38 -10.45
C CYS B 22 13.16 15.36 -10.36
N LYS B 23 14.30 15.83 -9.87
CA LYS B 23 15.49 14.99 -9.75
C LYS B 23 15.50 14.32 -8.38
N ALA B 24 15.67 13.00 -8.38
CA ALA B 24 15.62 12.25 -7.13
C ALA B 24 16.85 11.37 -6.96
N SER B 25 17.30 11.24 -5.70
CA SER B 25 18.44 10.39 -5.38
C SER B 25 18.40 9.91 -3.94
N GLY B 26 19.22 8.91 -3.63
CA GLY B 26 19.34 8.40 -2.26
C GLY B 26 18.51 7.14 -2.04
N TYR B 27 17.94 6.60 -3.12
CA TYR B 27 17.14 5.39 -3.03
C TYR B 27 17.08 4.69 -4.38
N PRO B 28 16.66 3.42 -4.42
CA PRO B 28 16.32 2.66 -5.61
C PRO B 28 15.15 3.30 -6.35
N PHE B 29 15.47 3.98 -7.44
CA PHE B 29 14.51 4.79 -8.16
C PHE B 29 13.31 4.00 -8.65
N THR B 30 13.56 2.81 -9.17
CA THR B 30 12.52 2.01 -9.80
C THR B 30 11.70 1.19 -8.81
N SER B 31 11.93 1.41 -7.52
CA SER B 31 11.15 0.73 -6.50
C SER B 31 9.98 1.59 -5.99
N TYR B 32 10.00 2.88 -6.32
CA TYR B 32 8.98 3.80 -5.81
C TYR B 32 8.38 4.63 -6.93
N GLY B 33 7.08 4.89 -6.84
CA GLY B 33 6.42 5.74 -7.83
C GLY B 33 6.62 7.20 -7.49
N ILE B 34 6.11 8.08 -8.34
CA ILE B 34 6.19 9.52 -8.09
C ILE B 34 4.80 10.15 -8.19
N SER B 35 4.46 10.97 -7.19
CA SER B 35 3.19 11.69 -7.23
C SER B 35 3.41 13.18 -7.33
N TRP B 36 2.44 13.88 -7.87
CA TRP B 36 2.49 15.33 -7.91
C TRP B 36 1.29 15.93 -7.21
N VAL B 37 1.55 16.95 -6.40
CA VAL B 37 0.54 17.65 -5.64
C VAL B 37 0.65 19.16 -5.84
N ARG B 38 -0.47 19.81 -6.12
CA ARG B 38 -0.49 21.24 -6.36
C ARG B 38 -1.04 22.00 -5.16
N GLN B 39 -0.47 23.17 -4.88
CA GLN B 39 -0.99 24.02 -3.82
C GLN B 39 -1.05 25.48 -4.21
N ALA B 40 -2.24 25.96 -4.57
CA ALA B 40 -2.43 27.36 -4.92
C ALA B 40 -2.26 28.19 -3.65
N PRO B 41 -1.87 29.46 -3.77
CA PRO B 41 -1.65 30.38 -2.65
C PRO B 41 -2.87 30.42 -1.73
N GLY B 42 -2.64 30.16 -0.45
CA GLY B 42 -3.69 30.23 0.56
C GLY B 42 -4.60 29.01 0.56
N GLN B 43 -4.31 28.04 -0.29
CA GLN B 43 -5.18 26.88 -0.43
C GLN B 43 -4.56 25.61 0.14
N GLY B 44 -5.33 24.53 0.10
CA GLY B 44 -4.86 23.24 0.60
C GLY B 44 -4.18 22.45 -0.51
N LEU B 45 -3.98 21.16 -0.28
CA LEU B 45 -3.25 20.32 -1.22
C LEU B 45 -4.21 19.61 -2.18
N GLU B 46 -3.87 19.64 -3.47
CA GLU B 46 -4.67 18.97 -4.49
C GLU B 46 -3.84 17.96 -5.26
N TRP B 47 -4.29 16.71 -5.26
CA TRP B 47 -3.57 15.65 -5.95
C TRP B 47 -3.73 15.78 -7.46
N MET B 48 -2.62 15.71 -8.19
CA MET B 48 -2.67 15.79 -9.65
C MET B 48 -2.61 14.43 -10.31
N GLY B 49 -1.72 13.57 -9.83
CA GLY B 49 -1.57 12.26 -10.44
C GLY B 49 -0.40 11.46 -9.89
N TRP B 50 -0.27 10.24 -10.40
CA TRP B 50 0.74 9.27 -9.99
C TRP B 50 1.36 8.57 -11.19
N ILE B 51 2.67 8.34 -11.15
CA ILE B 51 3.34 7.59 -12.21
C ILE B 51 4.25 6.49 -11.68
N SER B 52 4.25 5.35 -12.36
CA SER B 52 5.17 4.25 -12.07
C SER B 52 6.50 4.45 -12.76
N THR B 53 7.57 4.44 -11.99
CA THR B 53 8.92 4.61 -12.53
C THR B 53 9.45 3.32 -13.11
N TYR B 54 8.67 2.24 -12.96
CA TYR B 54 9.08 0.93 -13.44
C TYR B 54 8.47 0.60 -14.80
N ASN B 55 7.17 0.82 -14.95
CA ASN B 55 6.50 0.43 -16.18
C ASN B 55 5.79 1.57 -16.92
N GLY B 56 5.84 2.77 -16.38
CA GLY B 56 5.29 3.94 -17.07
C GLY B 56 3.78 4.11 -16.88
N ASN B 57 3.15 3.22 -16.11
CA ASN B 57 1.71 3.33 -15.89
C ASN B 57 1.38 4.59 -15.10
N THR B 58 0.28 5.24 -15.46
CA THR B 58 -0.13 6.45 -14.77
C THR B 58 -1.54 6.39 -14.22
N ASN B 59 -1.81 7.25 -13.26
CA ASN B 59 -3.12 7.43 -12.67
C ASN B 59 -3.36 8.90 -12.38
N TYR B 60 -4.22 9.54 -13.17
CA TYR B 60 -4.42 10.97 -13.05
C TYR B 60 -5.71 11.33 -12.33
N ALA B 61 -5.68 12.42 -11.57
CA ALA B 61 -6.89 12.95 -10.97
C ALA B 61 -7.81 13.42 -12.07
N GLN B 62 -9.11 13.18 -11.92
CA GLN B 62 -10.06 13.46 -12.99
C GLN B 62 -9.98 14.91 -13.47
N LYS B 63 -9.74 15.83 -12.55
CA LYS B 63 -9.68 17.25 -12.89
C LYS B 63 -8.58 17.58 -13.89
N PHE B 64 -7.55 16.73 -13.93
CA PHE B 64 -6.39 16.99 -14.76
C PHE B 64 -6.27 16.03 -15.94
N GLN B 65 -7.28 15.22 -16.17
CA GLN B 65 -7.22 14.28 -17.28
C GLN B 65 -7.39 15.03 -18.59
N GLY B 66 -6.48 14.77 -19.52
CA GLY B 66 -6.48 15.46 -20.81
C GLY B 66 -5.58 16.68 -20.79
N ARG B 67 -5.10 17.07 -19.60
CA ARG B 67 -4.24 18.23 -19.46
C ARG B 67 -2.84 17.87 -19.01
N VAL B 68 -2.73 16.86 -18.15
CA VAL B 68 -1.44 16.52 -17.56
C VAL B 68 -0.85 15.23 -18.10
N THR B 69 0.41 15.32 -18.51
CA THR B 69 1.18 14.17 -18.94
C THR B 69 2.42 14.00 -18.09
N MET B 70 2.61 12.79 -17.57
CA MET B 70 3.78 12.51 -16.75
C MET B 70 4.69 11.52 -17.44
N THR B 71 5.99 11.76 -17.32
CA THR B 71 6.98 10.85 -17.89
C THR B 71 8.08 10.60 -16.88
N THR B 72 8.84 9.52 -17.08
CA THR B 72 9.96 9.23 -16.20
C THR B 72 11.20 8.84 -16.99
N ASP B 73 12.34 9.40 -16.60
CA ASP B 73 13.62 8.99 -17.15
C ASP B 73 14.42 8.21 -16.09
N THR B 74 14.52 6.91 -16.29
CA THR B 74 15.13 6.04 -15.30
C THR B 74 16.65 6.02 -15.38
N SER B 75 17.20 6.60 -16.44
CA SER B 75 18.66 6.62 -16.60
C SER B 75 19.24 7.83 -15.87
N THR B 76 18.43 8.88 -15.75
CA THR B 76 18.84 10.09 -15.05
C THR B 76 18.02 10.27 -13.78
N THR B 77 17.27 9.23 -13.43
CA THR B 77 16.40 9.22 -12.27
C THR B 77 15.72 10.57 -12.06
N THR B 78 15.01 11.00 -13.10
CA THR B 78 14.30 12.28 -13.08
C THR B 78 12.87 12.14 -13.58
N GLY B 79 11.93 12.66 -12.81
CA GLY B 79 10.53 12.67 -13.21
C GLY B 79 10.17 13.99 -13.87
N TYR B 80 9.13 13.97 -14.70
CA TYR B 80 8.65 15.20 -15.32
C TYR B 80 7.13 15.26 -15.29
N MET B 81 6.59 16.47 -15.15
CA MET B 81 5.16 16.66 -15.22
C MET B 81 4.82 17.86 -16.10
N GLU B 82 4.08 17.61 -17.18
CA GLU B 82 3.71 18.67 -18.11
C GLU B 82 2.23 19.01 -17.99
N LEU B 83 1.95 20.27 -17.69
CA LEU B 83 0.57 20.75 -17.59
C LEU B 83 0.24 21.67 -18.76
N ARG B 84 -0.69 21.24 -19.61
CA ARG B 84 -1.02 21.98 -20.82
C ARG B 84 -2.21 22.92 -20.63
N ARG B 85 -2.33 23.87 -21.56
CA ARG B 85 -3.44 24.81 -21.60
C ARG B 85 -3.61 25.54 -20.28
N LEU B 86 -2.52 26.15 -19.81
CA LEU B 86 -2.50 26.85 -18.54
C LEU B 86 -3.54 27.96 -18.46
N ARG B 87 -4.20 28.04 -17.31
CA ARG B 87 -5.21 29.04 -17.03
C ARG B 87 -4.73 29.98 -15.94
N SER B 88 -5.37 31.12 -15.80
CA SER B 88 -4.96 32.11 -14.80
C SER B 88 -5.12 31.57 -13.38
N ASP B 89 -5.94 30.54 -13.21
CA ASP B 89 -6.16 29.96 -11.88
C ASP B 89 -5.28 28.75 -11.61
N ASP B 90 -4.28 28.52 -12.47
CA ASP B 90 -3.33 27.44 -12.27
C ASP B 90 -2.07 27.93 -11.55
N THR B 91 -2.10 29.18 -11.08
CA THR B 91 -0.97 29.70 -10.34
C THR B 91 -0.86 28.96 -9.02
N ALA B 92 0.25 28.27 -8.83
CA ALA B 92 0.41 27.41 -7.66
C ALA B 92 1.82 26.90 -7.52
N VAL B 93 2.12 26.33 -6.36
CA VAL B 93 3.37 25.60 -6.17
C VAL B 93 3.15 24.13 -6.44
N TYR B 94 3.97 23.56 -7.32
CA TYR B 94 3.85 22.17 -7.70
C TYR B 94 4.89 21.30 -7.00
N TYR B 95 4.42 20.41 -6.15
CA TYR B 95 5.32 19.58 -5.36
C TYR B 95 5.49 18.20 -5.96
N CYS B 96 6.74 17.74 -6.01
CA CYS B 96 7.08 16.38 -6.41
C CYS B 96 7.34 15.55 -5.16
N ALA B 97 6.70 14.38 -5.04
CA ALA B 97 6.90 13.56 -3.85
C ALA B 97 7.08 12.09 -4.20
N ARG B 98 7.96 11.42 -3.45
CA ARG B 98 8.11 9.97 -3.61
C ARG B 98 6.85 9.29 -3.12
N ASP B 99 6.40 8.28 -3.86
CA ASP B 99 5.14 7.63 -3.56
C ASP B 99 5.26 6.24 -2.93
N TYR B 100 4.48 6.02 -1.90
CA TYR B 100 4.28 4.68 -1.35
C TYR B 100 2.82 4.44 -1.04
N THR B 101 1.93 4.84 -1.97
CA THR B 101 0.52 4.59 -1.81
C THR B 101 0.04 3.59 -2.85
N ARG B 102 0.82 3.42 -3.92
CA ARG B 102 0.53 2.43 -4.94
C ARG B 102 1.82 1.77 -5.40
N GLY B 103 1.78 0.46 -5.59
CA GLY B 103 2.96 -0.29 -6.00
C GLY B 103 3.45 0.15 -7.37
N ALA B 104 4.78 0.19 -7.51
CA ALA B 104 5.38 0.61 -8.76
C ALA B 104 5.35 -0.51 -9.80
N TRP B 105 5.34 -1.76 -9.35
CA TRP B 105 5.39 -2.89 -10.27
C TRP B 105 4.02 -3.47 -10.58
N PHE B 106 3.20 -3.69 -9.55
CA PHE B 106 1.92 -4.37 -9.75
C PHE B 106 0.73 -3.41 -9.79
N GLY B 107 0.93 -2.19 -9.28
CA GLY B 107 -0.11 -1.16 -9.34
C GLY B 107 -1.20 -1.30 -8.27
N GLU B 108 -0.93 -2.03 -7.20
CA GLU B 108 -1.92 -2.21 -6.14
C GLU B 108 -1.71 -1.24 -4.99
N SER B 109 -2.76 -0.95 -4.25
CA SER B 109 -2.69 0.00 -3.13
C SER B 109 -1.80 -0.50 -2.00
N LEU B 110 -1.02 0.42 -1.43
CA LEU B 110 -0.10 0.12 -0.33
C LEU B 110 -0.46 0.87 0.94
N ILE B 111 0.07 0.37 2.06
CA ILE B 111 -0.08 1.03 3.34
C ILE B 111 1.06 2.01 3.53
N GLY B 112 0.79 3.29 3.30
CA GLY B 112 1.85 4.31 3.29
C GLY B 112 1.33 5.67 2.87
N GLY B 113 2.25 6.52 2.41
CA GLY B 113 1.94 7.89 2.04
C GLY B 113 3.11 8.50 1.27
N PHE B 114 2.97 9.74 0.85
CA PHE B 114 4.03 10.39 0.06
C PHE B 114 5.16 10.71 1.01
N ASP B 115 6.07 9.77 1.25
CA ASP B 115 7.12 9.94 2.30
C ASP B 115 8.05 11.14 2.09
N ASN B 116 8.65 11.32 0.91
CA ASN B 116 9.69 12.36 0.75
C ASN B 116 9.23 13.39 -0.27
N TRP B 117 9.18 14.66 0.11
CA TRP B 117 8.66 15.72 -0.80
C TRP B 117 9.80 16.55 -1.34
N GLY B 118 9.61 17.20 -2.47
CA GLY B 118 10.61 18.08 -3.04
C GLY B 118 10.38 19.50 -2.56
N GLN B 119 11.16 20.43 -3.12
CA GLN B 119 11.13 21.81 -2.67
C GLN B 119 9.88 22.58 -3.11
N GLY B 120 9.27 22.16 -4.23
CA GLY B 120 8.11 22.88 -4.74
C GLY B 120 8.51 23.87 -5.83
N THR B 121 7.87 23.76 -6.98
CA THR B 121 8.15 24.66 -8.11
C THR B 121 7.00 25.64 -8.30
N LEU B 122 7.30 26.94 -8.23
CA LEU B 122 6.26 27.93 -8.37
C LEU B 122 6.02 28.30 -9.83
N VAL B 123 4.78 28.11 -10.27
CA VAL B 123 4.42 28.45 -11.64
C VAL B 123 3.34 29.53 -11.63
N THR B 124 3.64 30.65 -12.28
CA THR B 124 2.71 31.77 -12.34
C THR B 124 2.14 31.93 -13.74
N VAL B 125 0.82 32.04 -13.84
CA VAL B 125 0.19 32.19 -15.14
C VAL B 125 -0.52 33.53 -15.24
N SER B 126 -0.08 34.35 -16.18
CA SER B 126 -0.60 35.70 -16.34
C SER B 126 -0.34 36.24 -17.73
N SER B 127 -1.25 37.07 -18.22
CA SER B 127 -1.09 37.70 -19.52
C SER B 127 -0.14 38.88 -19.46
N ALA B 128 0.15 39.33 -18.24
CA ALA B 128 0.99 40.50 -18.01
C ALA B 128 2.43 40.26 -18.44
N SER B 129 3.13 41.34 -18.82
CA SER B 129 4.53 41.28 -19.19
C SER B 129 5.43 41.20 -17.96
N ILE C 1 -14.51 9.91 -1.80
CA ILE C 1 -14.61 10.01 -0.32
C ILE C 1 -14.14 11.39 0.06
N VAL C 2 -15.06 12.32 0.22
CA VAL C 2 -14.78 13.68 0.67
C VAL C 2 -14.33 13.72 2.12
N LEU C 3 -13.17 14.31 2.35
CA LEU C 3 -12.67 14.47 3.71
C LEU C 3 -12.84 15.89 4.18
N THR C 4 -13.29 16.05 5.42
CA THR C 4 -13.42 17.35 6.03
C THR C 4 -12.66 17.37 7.35
N GLN C 5 -12.23 18.54 7.78
CA GLN C 5 -11.50 18.65 9.03
C GLN C 5 -12.08 19.71 9.94
N SER C 6 -11.87 19.55 11.24
CA SER C 6 -12.43 20.47 12.22
C SER C 6 -11.60 20.51 13.50
N PRO C 7 -11.45 21.69 14.10
CA PRO C 7 -11.92 23.01 13.68
C PRO C 7 -11.05 23.55 12.56
N GLY C 8 -11.52 24.59 11.88
CA GLY C 8 -10.71 25.23 10.86
C GLY C 8 -9.40 25.73 11.46
N THR C 9 -9.50 26.44 12.58
CA THR C 9 -8.33 26.91 13.30
C THR C 9 -8.41 26.45 14.75
N LEU C 10 -7.33 25.83 15.22
CA LEU C 10 -7.26 25.32 16.58
C LEU C 10 -6.33 26.17 17.43
N SER C 11 -6.92 26.95 18.34
CA SER C 11 -6.14 27.87 19.15
C SER C 11 -5.76 27.26 20.49
N LEU C 12 -4.47 26.95 20.65
CA LEU C 12 -3.96 26.32 21.85
C LEU C 12 -2.62 26.92 22.24
N SER C 13 -2.36 26.97 23.54
CA SER C 13 -1.08 27.44 24.04
C SER C 13 -0.03 26.34 23.94
N PRO C 14 1.26 26.70 23.91
CA PRO C 14 2.38 25.80 24.05
C PRO C 14 2.24 24.99 25.33
N GLY C 15 2.50 23.70 25.23
CA GLY C 15 2.40 22.80 26.37
C GLY C 15 1.05 22.11 26.46
N GLU C 16 0.06 22.58 25.69
CA GLU C 16 -1.26 21.97 25.72
C GLU C 16 -1.39 20.83 24.72
N ARG C 17 -2.35 19.94 24.97
CA ARG C 17 -2.64 18.82 24.07
C ARG C 17 -3.57 19.25 22.95
N ALA C 18 -3.24 18.88 21.72
CA ALA C 18 -4.04 19.27 20.57
C ALA C 18 -4.74 18.08 19.93
N THR C 19 -6.03 18.23 19.68
CA THR C 19 -6.80 17.19 19.01
C THR C 19 -7.33 17.70 17.67
N LEU C 20 -6.94 17.03 16.60
CA LEU C 20 -7.35 17.42 15.26
C LEU C 20 -8.21 16.34 14.61
N SER C 21 -9.41 16.70 14.17
CA SER C 21 -10.34 15.71 13.63
C SER C 21 -10.36 15.70 12.11
N CYS C 22 -10.61 14.51 11.54
CA CYS C 22 -10.85 14.30 10.11
C CYS C 22 -12.02 13.34 9.92
N ARG C 23 -12.99 13.75 9.11
CA ARG C 23 -14.19 12.96 8.90
C ARG C 23 -14.38 12.62 7.43
N ALA C 24 -14.92 11.44 7.16
CA ALA C 24 -15.12 11.01 5.78
C ALA C 24 -16.60 10.88 5.46
N SER C 25 -16.96 11.24 4.23
CA SER C 25 -18.32 11.08 3.73
C SER C 25 -18.66 9.62 3.50
N GLN C 26 -17.63 8.78 3.38
CA GLN C 26 -17.77 7.35 3.18
C GLN C 26 -16.75 6.61 4.04
N THR C 27 -17.01 5.35 4.32
CA THR C 27 -16.08 4.54 5.10
C THR C 27 -14.72 4.48 4.42
N VAL C 28 -13.67 4.75 5.21
CA VAL C 28 -12.30 4.70 4.70
C VAL C 28 -11.52 3.60 5.42
N SER C 29 -10.91 2.73 4.63
CA SER C 29 -10.10 1.66 5.21
C SER C 29 -9.10 2.23 6.20
N SER C 30 -8.94 1.54 7.32
CA SER C 30 -8.08 2.01 8.39
C SER C 30 -6.62 2.03 8.00
N THR C 31 -6.29 1.42 6.87
CA THR C 31 -4.91 1.35 6.43
C THR C 31 -4.64 2.31 5.27
N SER C 32 -5.65 3.07 4.87
CA SER C 32 -5.52 3.94 3.69
C SER C 32 -5.62 5.42 4.01
N LEU C 33 -5.39 5.79 5.28
CA LEU C 33 -5.43 7.19 5.67
C LEU C 33 -4.11 7.66 6.26
N ALA C 34 -3.75 8.92 6.00
CA ALA C 34 -2.48 9.47 6.47
C ALA C 34 -2.62 10.93 6.89
N TRP C 35 -1.69 11.37 7.73
CA TRP C 35 -1.65 12.77 8.18
C TRP C 35 -0.35 13.45 7.78
N TYR C 36 -0.46 14.71 7.36
CA TYR C 36 0.68 15.52 6.95
C TYR C 36 0.80 16.81 7.75
N GLN C 37 2.02 17.31 7.88
CA GLN C 37 2.27 18.59 8.53
C GLN C 37 2.98 19.55 7.60
N GLN C 38 2.45 20.76 7.44
CA GLN C 38 3.10 21.75 6.61
C GLN C 38 3.43 23.02 7.39
N LYS C 39 4.72 23.28 7.55
CA LYS C 39 5.16 24.49 8.22
C LYS C 39 5.17 25.62 7.21
N PRO C 40 5.01 26.87 7.63
CA PRO C 40 5.07 28.05 6.79
C PRO C 40 6.37 28.09 5.99
N GLY C 41 6.24 28.24 4.67
CA GLY C 41 7.40 28.35 3.79
C GLY C 41 8.05 27.01 3.46
N GLN C 42 7.44 25.91 3.88
CA GLN C 42 8.04 24.60 3.67
C GLN C 42 7.08 23.61 3.01
N ALA C 43 7.64 22.59 2.36
CA ALA C 43 6.84 21.50 1.81
C ALA C 43 6.28 20.66 2.95
N PRO C 44 5.12 20.02 2.78
CA PRO C 44 4.50 19.08 3.69
C PRO C 44 5.39 17.88 3.96
N ARG C 45 5.26 17.30 5.16
CA ARG C 45 5.95 16.05 5.48
C ARG C 45 4.96 15.04 6.06
N LEU C 46 5.24 13.76 5.85
CA LEU C 46 4.38 12.69 6.36
C LEU C 46 4.61 12.44 7.84
N LEU C 47 3.52 12.45 8.61
CA LEU C 47 3.60 12.18 10.05
C LEU C 47 3.09 10.80 10.41
N ILE C 48 1.90 10.48 9.90
CA ILE C 48 1.26 9.21 10.21
C ILE C 48 0.73 8.55 8.95
N TYR C 49 0.96 7.25 8.82
CA TYR C 49 0.43 6.49 7.71
C TYR C 49 -0.29 5.26 8.24
N GLY C 50 -1.23 4.73 7.47
CA GLY C 50 -1.95 3.55 7.93
C GLY C 50 -2.82 3.88 9.13
N ALA C 51 -3.29 5.13 9.18
CA ALA C 51 -4.11 5.68 10.27
C ALA C 51 -3.33 5.88 11.58
N SER C 52 -2.64 4.86 12.05
CA SER C 52 -2.00 4.93 13.36
C SER C 52 -0.48 4.75 13.37
N SER C 53 0.13 4.39 12.24
CA SER C 53 1.56 4.10 12.25
C SER C 53 2.39 5.37 12.07
N ARG C 54 3.32 5.58 12.99
CA ARG C 54 4.16 6.77 12.94
C ARG C 54 5.22 6.65 11.86
N ALA C 55 5.39 7.73 11.09
CA ALA C 55 6.37 7.76 10.02
C ALA C 55 7.78 7.92 10.57
N THR C 56 8.76 7.48 9.80
CA THR C 56 10.16 7.55 10.21
C THR C 56 10.63 8.98 10.43
N GLY C 57 11.29 9.21 11.56
CA GLY C 57 11.86 10.53 11.86
C GLY C 57 10.90 11.41 12.65
N ILE C 58 9.69 10.93 12.87
CA ILE C 58 8.67 11.69 13.58
C ILE C 58 8.74 11.42 15.09
N PRO C 59 8.76 12.47 15.92
CA PRO C 59 8.76 12.44 17.37
C PRO C 59 7.60 11.65 17.92
N ASP C 60 7.84 10.99 19.06
CA ASP C 60 6.88 10.11 19.70
C ASP C 60 5.68 10.84 20.28
N ARG C 61 5.75 12.16 20.34
CA ARG C 61 4.64 12.95 20.86
C ARG C 61 3.49 13.00 19.85
N PHE C 62 3.76 12.59 18.61
CA PHE C 62 2.73 12.53 17.58
C PHE C 62 2.14 11.12 17.50
N SER C 63 0.83 11.04 17.64
CA SER C 63 0.13 9.76 17.57
C SER C 63 -1.24 9.96 16.97
N GLY C 64 -1.92 8.87 16.67
CA GLY C 64 -3.26 8.98 16.11
C GLY C 64 -3.91 7.61 15.94
N SER C 65 -5.20 7.63 15.64
CA SER C 65 -5.99 6.43 15.48
C SER C 65 -7.30 6.75 14.81
N GLY C 66 -8.04 5.73 14.39
CA GLY C 66 -9.35 5.95 13.82
C GLY C 66 -9.87 4.75 13.04
N SER C 67 -11.13 4.83 12.67
CA SER C 67 -11.78 3.77 11.91
C SER C 67 -13.07 4.30 11.29
N GLY C 68 -13.65 3.55 10.38
CA GLY C 68 -14.93 3.97 9.82
C GLY C 68 -14.81 5.31 9.11
N THR C 69 -15.53 6.29 9.61
CA THR C 69 -15.56 7.62 9.03
C THR C 69 -15.04 8.69 10.00
N ASP C 70 -14.35 8.27 11.05
CA ASP C 70 -13.86 9.22 12.05
C ASP C 70 -12.43 8.94 12.48
N PHE C 71 -11.50 9.80 12.07
CA PHE C 71 -10.09 9.65 12.37
C PHE C 71 -9.55 10.86 13.12
N THR C 72 -8.60 10.62 14.02
CA THR C 72 -8.06 11.70 14.86
C THR C 72 -6.53 11.73 14.91
N LEU C 73 -5.99 12.93 14.81
CA LEU C 73 -4.57 13.18 15.05
C LEU C 73 -4.37 13.77 16.44
N THR C 74 -3.49 13.16 17.21
CA THR C 74 -3.26 13.60 18.58
C THR C 74 -1.83 14.10 18.77
N ILE C 75 -1.70 15.28 19.34
CA ILE C 75 -0.40 15.80 19.72
C ILE C 75 -0.38 15.94 21.23
N SER C 76 0.40 15.09 21.90
CA SER C 76 0.33 15.01 23.36
C SER C 76 0.69 16.33 24.03
N ARG C 77 1.54 17.11 23.38
CA ARG C 77 1.92 18.43 23.86
C ARG C 77 2.40 19.27 22.69
N LEU C 78 2.00 20.53 22.65
CA LEU C 78 2.46 21.41 21.60
C LEU C 78 3.80 22.05 21.92
N GLU C 79 4.78 21.77 21.07
CA GLU C 79 6.08 22.42 21.13
C GLU C 79 6.01 23.65 20.24
N PRO C 80 6.92 24.61 20.38
CA PRO C 80 7.05 25.80 19.56
C PRO C 80 7.07 25.48 18.06
N GLU C 81 7.54 24.28 17.72
CA GLU C 81 7.66 23.87 16.32
C GLU C 81 6.43 23.10 15.82
N ASP C 82 5.43 22.92 16.66
CA ASP C 82 4.25 22.14 16.30
C ASP C 82 3.10 23.00 15.84
N PHE C 83 3.36 24.27 15.59
CA PHE C 83 2.35 25.18 15.10
C PHE C 83 2.44 25.27 13.58
N ALA C 84 1.56 24.53 12.92
CA ALA C 84 1.62 24.31 11.49
C ALA C 84 0.25 23.90 10.97
N VAL C 85 0.10 23.82 9.66
CA VAL C 85 -1.16 23.36 9.08
C VAL C 85 -1.12 21.86 8.82
N TYR C 86 -2.09 21.15 9.34
CA TYR C 86 -2.13 19.70 9.19
C TYR C 86 -3.20 19.30 8.19
N TYR C 87 -2.90 18.27 7.40
CA TYR C 87 -3.85 17.76 6.43
C TYR C 87 -4.08 16.27 6.63
N CYS C 88 -5.31 15.81 6.39
CA CYS C 88 -5.58 14.38 6.34
C CYS C 88 -5.75 13.95 4.90
N GLN C 89 -5.34 12.73 4.61
CA GLN C 89 -5.39 12.16 3.27
C GLN C 89 -5.98 10.76 3.28
N GLN C 90 -6.69 10.42 2.22
CA GLN C 90 -7.09 9.03 2.04
C GLN C 90 -6.83 8.59 0.61
N HIS C 91 -6.47 7.34 0.43
CA HIS C 91 -6.29 6.79 -0.90
C HIS C 91 -7.01 5.45 -1.05
N ASP C 92 -8.14 5.32 -0.36
CA ASP C 92 -8.98 4.14 -0.49
C ASP C 92 -9.71 4.25 -1.82
N THR C 93 -10.23 5.44 -2.09
CA THR C 93 -10.83 5.75 -3.38
C THR C 93 -10.08 6.93 -4.01
N SER C 94 -9.51 6.73 -5.18
CA SER C 94 -8.66 7.74 -5.79
C SER C 94 -7.64 8.23 -4.77
N LEU C 95 -7.48 9.54 -4.66
CA LEU C 95 -6.64 10.11 -3.59
C LEU C 95 -7.06 11.54 -3.34
N THR C 96 -7.45 11.83 -2.10
CA THR C 96 -7.94 13.16 -1.77
C THR C 96 -7.36 13.67 -0.46
N PHE C 97 -7.29 14.98 -0.34
CA PHE C 97 -6.85 15.64 0.90
C PHE C 97 -8.02 16.37 1.53
N GLY C 98 -7.97 16.53 2.84
CA GLY C 98 -8.97 17.32 3.55
C GLY C 98 -8.68 18.80 3.38
N GLY C 99 -9.54 19.63 3.95
CA GLY C 99 -9.41 21.08 3.81
C GLY C 99 -8.14 21.60 4.48
N GLY C 100 -7.75 20.98 5.59
CA GLY C 100 -6.58 21.41 6.34
C GLY C 100 -6.96 22.15 7.61
N THR C 101 -6.20 21.91 8.66
CA THR C 101 -6.43 22.53 9.96
C THR C 101 -5.20 23.30 10.41
N LYS C 102 -5.39 24.54 10.80
CA LYS C 102 -4.28 25.37 11.27
C LYS C 102 -4.19 25.35 12.79
N VAL C 103 -3.03 25.00 13.31
CA VAL C 103 -2.80 25.08 14.75
C VAL C 103 -2.10 26.41 15.05
N GLU C 104 -2.69 27.20 15.94
CA GLU C 104 -2.21 28.56 16.23
C GLU C 104 -2.20 28.82 17.74
C1 NAG D . 6.70 -2.45 4.84
C2 NAG D . 8.15 -2.92 4.54
C3 NAG D . 9.02 -2.71 5.79
C4 NAG D . 8.99 -1.22 6.17
C5 NAG D . 7.52 -0.84 6.43
C6 NAG D . 7.40 0.62 6.81
C7 NAG D . 8.81 -4.80 3.15
C8 NAG D . 8.79 -6.27 2.82
N2 NAG D . 8.13 -4.35 4.20
O3 NAG D . 10.36 -3.13 5.51
O4 NAG D . 9.74 -1.03 7.39
O5 NAG D . 6.71 -1.07 5.23
O6 NAG D . 8.05 1.46 5.88
O7 NAG D . 9.44 -4.02 2.46
C1 NAG D . 11.09 -0.40 7.15
C2 NAG D . 11.54 0.34 8.47
C3 NAG D . 12.94 0.97 8.21
C4 NAG D . 13.93 -0.15 7.80
C5 NAG D . 13.41 -0.82 6.51
C6 NAG D . 14.33 -1.96 6.03
C7 NAG D . 10.28 1.72 10.04
C8 NAG D . 9.33 2.85 10.38
N2 NAG D . 10.60 1.43 8.78
O3 NAG D . 13.37 1.63 9.39
O4 NAG D . 15.22 0.43 7.58
O5 NAG D . 12.08 -1.39 6.76
O6 NAG D . 14.51 -2.94 7.04
O7 NAG D . 10.77 1.08 10.98
C1 BMA D . 16.21 0.02 8.64
C2 BMA D . 17.48 0.91 8.55
C3 BMA D . 18.48 0.44 9.61
C4 BMA D . 17.82 0.54 11.01
C5 BMA D . 16.58 -0.35 10.99
C6 BMA D . 15.82 -0.28 12.31
O2 BMA D . 17.11 2.27 8.78
O3 BMA D . 19.67 1.27 9.58
O4 BMA D . 18.72 0.09 12.02
O5 BMA D . 15.64 0.10 9.96
O6 BMA D . 15.46 1.03 12.64
C1 MAN D . 20.91 0.46 9.30
C2 MAN D . 22.18 1.35 9.55
C3 MAN D . 22.16 2.49 8.52
C4 MAN D . 22.17 1.87 7.10
C5 MAN D . 20.93 0.97 6.94
C6 MAN D . 20.94 0.25 5.59
O2 MAN D . 23.35 0.54 9.42
O3 MAN D . 23.29 3.36 8.71
O4 MAN D . 22.16 2.92 6.14
O5 MAN D . 20.93 -0.08 7.97
O6 MAN D . 19.68 -0.34 5.31
C1 MAN D . 15.18 1.20 14.09
C2 MAN D . 14.02 0.27 14.56
C3 MAN D . 12.73 0.75 13.86
C4 MAN D . 12.46 2.23 14.22
C5 MAN D . 13.68 3.06 13.76
C6 MAN D . 13.52 4.53 14.09
O2 MAN D . 13.89 0.34 15.99
O3 MAN D . 11.63 -0.09 14.28
O4 MAN D . 11.27 2.67 13.59
O5 MAN D . 14.89 2.59 14.41
O6 MAN D . 12.95 5.24 12.99
C1 FUC D . 7.94 2.89 6.28
C2 FUC D . 9.09 3.71 5.65
C3 FUC D . 8.88 3.69 4.11
C4 FUC D . 7.50 4.30 3.80
C5 FUC D . 6.41 3.45 4.48
C6 FUC D . 5.05 4.04 4.25
O2 FUC D . 10.34 3.16 6.00
O3 FUC D . 9.92 4.41 3.45
O4 FUC D . 7.44 5.62 4.33
O5 FUC D . 6.64 3.41 5.93
C1 NAG E . 25.59 -7.57 -18.56
C2 NAG E . 24.54 -8.67 -18.96
C3 NAG E . 24.53 -8.74 -20.52
C4 NAG E . 24.18 -7.36 -21.10
C5 NAG E . 25.22 -6.33 -20.63
C6 NAG E . 24.89 -4.92 -21.09
C7 NAG E . 24.07 -10.89 -18.10
C8 NAG E . 24.52 -12.21 -17.57
N2 NAG E . 24.97 -9.96 -18.43
O3 NAG E . 23.56 -9.71 -20.94
O4 NAG E . 24.18 -7.45 -22.53
O5 NAG E . 25.25 -6.30 -19.16
O6 NAG E . 26.01 -4.06 -20.95
O7 NAG E . 22.86 -10.66 -18.24
#